data_7FRH
#
_entry.id   7FRH
#
_cell.length_a   89.618
_cell.length_b   89.618
_cell.length_c   106.406
_cell.angle_alpha   90.000
_cell.angle_beta   90.000
_cell.angle_gamma   120.000
#
_symmetry.space_group_name_H-M   'P 31 2 1'
#
loop_
_entity.id
_entity.type
_entity.pdbx_description
1 polymer 'Tyrosine-protein phosphatase non-receptor type 1'
2 non-polymer 2-AMINO-2-HYDROXYMETHYL-PROPANE-1,3-DIOL
3 non-polymer N,N-dimethylpyridin-4-amine
4 water water
#
_entity_poly.entity_id   1
_entity_poly.type   'polypeptide(L)'
_entity_poly.pdbx_seq_one_letter_code
;MEMEKEFEQIDKSGSWAAIYQDIRHEASDFPSRVAKLPKNKNRNRYRDVSPFDHSRIKLHQEDNDYINASLIKMEEAQRS
YILTQGPLPNTVGHFWEMVWEQKSRGVVMLNRVMEKGSLKCAQYWPQKEEKEMIFEDTNLKLTLISEDIKSYYTVRQLEL
ENLTTQETREILHFHYTTWPDFGVPESPASFLNFLFKVRESGSLSPEHGPVVVHCSAGIGRSGTFCLADTCLLLMDKRKD
PSSVDIKKVLLEMRKFRMGLIQTADQLRFSYLAVIEGAKFIMGDSSVQDQWKELSHEDLEPPPEHIPPPPRPPKRILEPH
N
;
_entity_poly.pdbx_strand_id   A
#
loop_
_chem_comp.id
_chem_comp.type
_chem_comp.name
_chem_comp.formula
JGD non-polymer N,N-dimethylpyridin-4-amine 'C7 H10 N2'
TRS non-polymer 2-AMINO-2-HYDROXYMETHYL-PROPANE-1,3-DIOL 'C4 H12 N O3 1'
#
# COMPACT_ATOMS: atom_id res chain seq x y z
N GLU A 2 2.36 -8.33 -25.71
CA GLU A 2 2.86 -7.05 -25.09
C GLU A 2 1.68 -6.15 -24.70
N MET A 3 1.82 -5.51 -23.54
CA MET A 3 0.78 -4.70 -22.83
C MET A 3 0.60 -3.32 -23.45
N GLU A 4 1.61 -2.75 -24.11
CA GLU A 4 1.50 -1.48 -24.87
C GLU A 4 0.48 -1.64 -26.01
N LYS A 5 0.46 -2.83 -26.63
CA LYS A 5 -0.44 -3.17 -27.75
C LYS A 5 -1.83 -3.44 -27.19
N GLU A 6 -1.90 -4.21 -26.10
CA GLU A 6 -3.16 -4.51 -25.35
C GLU A 6 -3.77 -3.18 -24.84
N PHE A 7 -2.93 -2.23 -24.42
CA PHE A 7 -3.36 -0.90 -23.90
C PHE A 7 -4.15 -0.18 -25.00
N GLU A 8 -3.57 -0.13 -26.21
CA GLU A 8 -4.19 0.56 -27.38
C GLU A 8 -5.50 -0.14 -27.78
N GLN A 9 -5.50 -1.48 -27.86
CA GLN A 9 -6.70 -2.30 -28.14
C GLN A 9 -7.82 -1.93 -27.18
N ILE A 10 -7.58 -1.98 -25.86
CA ILE A 10 -8.63 -1.75 -24.83
C ILE A 10 -9.05 -0.28 -24.93
N ASP A 11 -8.08 0.62 -25.09
CA ASP A 11 -8.32 2.09 -25.12
C ASP A 11 -9.12 2.48 -26.37
N LYS A 12 -8.71 2.02 -27.56
CA LYS A 12 -9.39 2.35 -28.84
C LYS A 12 -10.78 1.71 -28.85
N SER A 13 -10.97 0.52 -28.27
CA SER A 13 -12.30 -0.14 -28.18
C SER A 13 -13.10 0.31 -26.93
N GLY A 14 -12.58 1.23 -26.10
CA GLY A 14 -13.13 1.62 -24.78
C GLY A 14 -13.63 0.44 -23.94
N SER A 15 -12.83 -0.63 -23.77
CA SER A 15 -13.23 -1.89 -23.10
C SER A 15 -12.77 -1.94 -21.62
N TRP A 16 -12.35 -0.83 -21.01
CA TRP A 16 -11.73 -0.85 -19.66
C TRP A 16 -12.72 -1.38 -18.63
N ALA A 17 -14.00 -0.98 -18.69
CA ALA A 17 -15.03 -1.45 -17.73
C ALA A 17 -15.19 -2.95 -17.86
N ALA A 18 -15.07 -3.48 -19.10
CA ALA A 18 -15.25 -4.91 -19.42
C ALA A 18 -14.08 -5.75 -18.88
N ILE A 19 -12.83 -5.36 -19.16
CA ILE A 19 -11.61 -6.01 -18.58
C ILE A 19 -11.75 -6.01 -17.04
N TYR A 20 -12.10 -4.85 -16.46
CA TYR A 20 -12.17 -4.67 -15.00
C TYR A 20 -13.18 -5.66 -14.43
N GLN A 21 -14.35 -5.81 -15.07
CA GLN A 21 -15.39 -6.78 -14.67
C GLN A 21 -14.89 -8.22 -14.76
N ASP A 22 -14.10 -8.61 -15.77
CA ASP A 22 -13.57 -10.02 -15.84
C ASP A 22 -12.64 -10.28 -14.63
N ILE A 23 -11.83 -9.29 -14.24
CA ILE A 23 -10.94 -9.39 -13.06
C ILE A 23 -11.79 -9.59 -11.80
N ARG A 24 -12.83 -8.78 -11.64
CA ARG A 24 -13.76 -8.85 -10.48
C ARG A 24 -14.34 -10.26 -10.38
N HIS A 25 -14.77 -10.83 -11.53
N HIS A 25 -14.76 -10.85 -11.51
CA HIS A 25 -15.40 -12.17 -11.63
CA HIS A 25 -15.43 -12.18 -11.53
C HIS A 25 -14.38 -13.23 -11.22
C HIS A 25 -14.39 -13.28 -11.29
N GLU A 26 -13.15 -13.12 -11.74
CA GLU A 26 -12.09 -14.16 -11.58
C GLU A 26 -11.46 -14.14 -10.19
N ALA A 27 -11.60 -13.06 -9.43
CA ALA A 27 -10.88 -12.81 -8.16
C ALA A 27 -11.29 -13.84 -7.11
N SER A 28 -10.34 -14.21 -6.27
CA SER A 28 -10.44 -15.17 -5.15
C SER A 28 -11.42 -14.64 -4.12
N ASP A 29 -12.03 -15.54 -3.36
CA ASP A 29 -12.85 -15.18 -2.21
C ASP A 29 -12.46 -16.12 -1.07
N PHE A 30 -11.92 -15.60 0.01
CA PHE A 30 -11.53 -16.46 1.15
C PHE A 30 -12.30 -15.96 2.35
N PRO A 31 -12.41 -16.76 3.41
CA PRO A 31 -13.05 -16.28 4.61
C PRO A 31 -12.31 -15.09 5.24
N SER A 32 -13.11 -14.18 5.81
N SER A 32 -13.10 -14.20 5.85
CA SER A 32 -12.70 -13.02 6.65
CA SER A 32 -12.63 -13.06 6.69
C SER A 32 -13.51 -13.06 7.96
C SER A 32 -13.48 -13.06 7.96
N ARG A 33 -13.43 -14.18 8.69
CA ARG A 33 -14.23 -14.38 9.92
C ARG A 33 -13.72 -13.48 11.02
N VAL A 34 -12.41 -13.35 11.21
CA VAL A 34 -11.91 -12.53 12.35
C VAL A 34 -12.35 -11.08 12.18
N ALA A 35 -12.29 -10.52 10.96
CA ALA A 35 -12.66 -9.13 10.68
C ALA A 35 -14.12 -8.88 11.08
N LYS A 36 -15.01 -9.86 10.94
CA LYS A 36 -16.49 -9.71 11.13
C LYS A 36 -16.89 -10.01 12.58
N LEU A 37 -15.99 -10.41 13.48
CA LEU A 37 -16.33 -10.55 14.91
C LEU A 37 -16.86 -9.22 15.41
N PRO A 38 -17.95 -9.23 16.20
CA PRO A 38 -18.49 -7.99 16.80
C PRO A 38 -17.47 -7.15 17.55
N LYS A 39 -16.57 -7.76 18.30
CA LYS A 39 -15.52 -7.02 19.06
C LYS A 39 -14.52 -6.26 18.15
N ASN A 40 -14.49 -6.59 16.86
CA ASN A 40 -13.57 -5.98 15.88
C ASN A 40 -14.30 -4.91 15.08
N LYS A 41 -15.60 -4.73 15.34
CA LYS A 41 -16.47 -3.84 14.55
C LYS A 41 -15.85 -2.42 14.49
N ASN A 42 -15.32 -1.92 15.60
CA ASN A 42 -14.79 -0.53 15.70
C ASN A 42 -13.36 -0.44 15.15
N ARG A 43 -12.77 -1.55 14.70
CA ARG A 43 -11.36 -1.57 14.18
C ARG A 43 -11.36 -1.49 12.65
N ASN A 44 -12.52 -1.45 12.02
CA ASN A 44 -12.66 -1.41 10.53
C ASN A 44 -13.20 -0.07 10.05
N ARG A 45 -12.53 0.58 9.10
CA ARG A 45 -13.03 1.86 8.57
C ARG A 45 -14.26 1.62 7.72
N TYR A 46 -14.28 0.55 6.93
CA TYR A 46 -15.39 0.23 5.98
C TYR A 46 -15.84 -1.21 6.23
N ARG A 47 -17.15 -1.46 6.27
CA ARG A 47 -17.68 -2.78 6.68
C ARG A 47 -17.48 -3.78 5.52
N ASP A 48 -17.34 -3.34 4.28
CA ASP A 48 -17.16 -4.23 3.09
C ASP A 48 -15.66 -4.39 2.71
N VAL A 49 -14.72 -3.88 3.51
CA VAL A 49 -13.27 -4.05 3.20
C VAL A 49 -12.62 -4.73 4.39
N SER A 50 -12.31 -6.00 4.23
CA SER A 50 -11.83 -6.89 5.31
C SER A 50 -10.60 -7.62 4.83
N PRO A 51 -9.63 -7.88 5.73
CA PRO A 51 -8.55 -8.80 5.41
C PRO A 51 -9.08 -10.24 5.43
N PHE A 52 -8.55 -11.07 4.55
CA PHE A 52 -8.76 -12.54 4.60
C PHE A 52 -8.07 -13.06 5.85
N ASP A 53 -8.66 -14.05 6.49
CA ASP A 53 -8.04 -14.71 7.68
C ASP A 53 -6.62 -15.21 7.34
N HIS A 54 -6.39 -15.77 6.15
CA HIS A 54 -5.14 -16.53 5.89
C HIS A 54 -3.94 -15.57 5.78
N SER A 55 -4.15 -14.33 5.34
CA SER A 55 -3.05 -13.39 5.06
C SER A 55 -3.09 -12.20 6.02
N ARG A 56 -3.92 -12.21 7.06
CA ARG A 56 -4.10 -11.02 7.92
C ARG A 56 -2.85 -10.87 8.79
N ILE A 57 -2.47 -9.63 9.11
CA ILE A 57 -1.36 -9.37 10.06
C ILE A 57 -1.93 -9.51 11.47
N LYS A 58 -1.24 -10.22 12.33
CA LYS A 58 -1.68 -10.35 13.73
C LYS A 58 -0.84 -9.42 14.58
N LEU A 59 -1.49 -8.64 15.45
CA LEU A 59 -0.76 -7.96 16.53
C LEU A 59 -0.32 -9.00 17.58
N HIS A 60 0.88 -8.86 18.14
CA HIS A 60 1.38 -9.68 19.29
C HIS A 60 0.87 -9.11 20.63
N GLN A 61 -0.39 -8.72 20.77
CA GLN A 61 -1.01 -8.37 22.07
C GLN A 61 -2.06 -9.46 22.32
N GLU A 62 -2.07 -10.05 23.53
CA GLU A 62 -2.86 -11.27 23.86
C GLU A 62 -4.35 -10.94 23.85
N ASP A 63 -4.67 -9.69 24.17
CA ASP A 63 -6.05 -9.16 24.31
C ASP A 63 -6.82 -9.36 22.99
N ASN A 64 -6.46 -8.61 21.96
CA ASN A 64 -7.15 -8.58 20.64
C ASN A 64 -6.07 -8.41 19.58
N ASP A 65 -5.82 -9.41 18.76
CA ASP A 65 -4.67 -9.39 17.83
C ASP A 65 -5.08 -8.74 16.49
N TYR A 66 -6.28 -8.16 16.38
CA TYR A 66 -6.87 -7.78 15.07
C TYR A 66 -6.46 -6.34 14.64
N ILE A 67 -5.99 -6.25 13.40
CA ILE A 67 -5.86 -4.98 12.65
C ILE A 67 -6.30 -5.28 11.23
N ASN A 68 -6.93 -4.30 10.60
CA ASN A 68 -7.28 -4.39 9.18
C ASN A 68 -6.01 -4.20 8.36
N ALA A 69 -5.26 -5.27 8.14
CA ALA A 69 -4.01 -5.26 7.40
C ALA A 69 -3.76 -6.65 6.83
N SER A 70 -3.15 -6.72 5.65
CA SER A 70 -2.89 -7.96 4.89
C SER A 70 -1.42 -7.97 4.47
N LEU A 71 -0.78 -9.13 4.54
CA LEU A 71 0.54 -9.40 3.94
C LEU A 71 0.35 -9.92 2.52
N ILE A 72 0.85 -9.16 1.54
N ILE A 72 0.77 -9.10 1.54
CA ILE A 72 0.91 -9.56 0.11
CA ILE A 72 0.93 -9.51 0.13
C ILE A 72 2.32 -10.04 -0.19
C ILE A 72 2.35 -10.10 0.02
N LYS A 73 2.47 -11.35 -0.43
CA LYS A 73 3.76 -12.02 -0.66
C LYS A 73 3.86 -12.30 -2.15
N MET A 74 4.77 -11.64 -2.88
CA MET A 74 4.94 -11.91 -4.33
C MET A 74 6.23 -12.73 -4.46
N GLU A 75 6.06 -14.05 -4.53
CA GLU A 75 7.16 -15.07 -4.45
C GLU A 75 8.19 -14.87 -5.59
N GLU A 76 7.75 -14.82 -6.84
CA GLU A 76 8.68 -14.67 -7.98
C GLU A 76 9.42 -13.35 -7.86
N ALA A 77 8.77 -12.26 -7.46
CA ALA A 77 9.42 -10.93 -7.40
C ALA A 77 10.24 -10.74 -6.13
N GLN A 78 10.07 -11.60 -5.14
N GLN A 78 10.12 -11.66 -5.18
CA GLN A 78 10.79 -11.52 -3.83
CA GLN A 78 10.69 -11.59 -3.80
C GLN A 78 10.43 -10.19 -3.15
C GLN A 78 10.44 -10.18 -3.26
N ARG A 79 9.16 -9.80 -3.23
CA ARG A 79 8.67 -8.53 -2.66
C ARG A 79 7.53 -8.92 -1.75
N SER A 80 7.50 -8.34 -0.55
N SER A 80 7.43 -8.25 -0.60
CA SER A 80 6.34 -8.38 0.37
CA SER A 80 6.31 -8.40 0.36
C SER A 80 5.85 -6.94 0.61
C SER A 80 5.87 -7.02 0.88
N TYR A 81 4.55 -6.80 0.93
CA TYR A 81 3.94 -5.51 1.27
C TYR A 81 2.89 -5.78 2.31
N ILE A 82 2.77 -4.92 3.30
CA ILE A 82 1.58 -4.89 4.18
C ILE A 82 0.68 -3.81 3.60
N LEU A 83 -0.54 -4.16 3.23
CA LEU A 83 -1.54 -3.16 2.84
C LEU A 83 -2.54 -3.03 3.99
N THR A 84 -2.81 -1.80 4.39
CA THR A 84 -3.70 -1.54 5.53
C THR A 84 -4.58 -0.32 5.19
N GLN A 85 -5.60 -0.15 6.00
CA GLN A 85 -6.51 1.01 5.91
C GLN A 85 -5.80 2.21 6.55
N GLY A 86 -6.21 3.40 6.22
CA GLY A 86 -5.75 4.58 6.96
C GLY A 86 -6.21 4.40 8.39
N PRO A 87 -5.31 4.58 9.38
CA PRO A 87 -5.68 4.35 10.76
C PRO A 87 -6.88 5.20 11.20
N LEU A 88 -7.66 4.63 12.09
CA LEU A 88 -8.73 5.31 12.81
C LEU A 88 -8.16 5.98 14.06
N PRO A 89 -8.91 6.94 14.65
CA PRO A 89 -8.50 7.60 15.89
C PRO A 89 -8.19 6.57 16.96
N ASN A 90 -8.93 5.48 16.99
CA ASN A 90 -8.77 4.46 18.04
C ASN A 90 -7.75 3.40 17.59
N THR A 91 -7.23 3.39 16.35
CA THR A 91 -6.28 2.31 15.96
C THR A 91 -4.89 2.86 15.67
N VAL A 92 -4.63 4.14 15.96
CA VAL A 92 -3.29 4.72 15.66
C VAL A 92 -2.21 3.96 16.44
N GLY A 93 -2.46 3.61 17.71
CA GLY A 93 -1.51 2.81 18.53
C GLY A 93 -1.29 1.42 17.96
N HIS A 94 -2.34 0.80 17.44
CA HIS A 94 -2.26 -0.54 16.78
C HIS A 94 -1.38 -0.45 15.54
N PHE A 95 -1.60 0.60 14.75
CA PHE A 95 -0.83 0.80 13.50
C PHE A 95 0.68 0.81 13.82
N TRP A 96 1.08 1.61 14.80
CA TRP A 96 2.52 1.74 15.10
C TRP A 96 3.05 0.45 15.75
N GLU A 97 2.21 -0.24 16.50
CA GLU A 97 2.57 -1.56 17.07
C GLU A 97 2.87 -2.52 15.93
N MET A 98 2.03 -2.51 14.88
CA MET A 98 2.26 -3.37 13.69
C MET A 98 3.60 -2.99 13.05
N VAL A 99 3.86 -1.71 12.84
CA VAL A 99 5.14 -1.24 12.24
C VAL A 99 6.31 -1.78 13.07
N TRP A 100 6.21 -1.68 14.36
CA TRP A 100 7.27 -2.10 15.28
C TRP A 100 7.46 -3.61 15.12
N GLU A 101 6.38 -4.38 15.26
CA GLU A 101 6.42 -5.87 15.32
C GLU A 101 6.87 -6.46 13.98
N GLN A 102 6.52 -5.85 12.86
CA GLN A 102 6.88 -6.38 11.52
C GLN A 102 8.26 -5.88 11.06
N LYS A 103 8.91 -4.97 11.82
CA LYS A 103 10.28 -4.46 11.53
C LYS A 103 10.30 -3.71 10.21
N SER A 104 9.17 -3.11 9.83
CA SER A 104 9.08 -2.24 8.65
C SER A 104 10.04 -1.04 8.81
N ARG A 105 10.64 -0.64 7.69
N ARG A 105 10.57 -0.58 7.69
CA ARG A 105 11.50 0.57 7.53
CA ARG A 105 11.50 0.58 7.56
C ARG A 105 10.62 1.75 7.10
C ARG A 105 10.76 1.78 6.93
N GLY A 106 9.72 1.51 6.13
CA GLY A 106 8.98 2.56 5.41
C GLY A 106 7.47 2.43 5.60
N VAL A 107 6.80 3.58 5.62
CA VAL A 107 5.33 3.72 5.54
C VAL A 107 5.05 4.57 4.32
N VAL A 108 4.23 4.07 3.41
CA VAL A 108 3.81 4.76 2.18
C VAL A 108 2.34 5.16 2.33
N MET A 109 2.06 6.44 2.25
CA MET A 109 0.72 7.04 2.43
C MET A 109 0.32 7.69 1.12
N LEU A 110 -0.78 7.28 0.53
CA LEU A 110 -1.20 7.72 -0.81
C LEU A 110 -2.45 8.59 -0.75
N ASN A 111 -2.81 9.11 0.41
CA ASN A 111 -4.03 9.97 0.56
C ASN A 111 -3.66 11.19 1.40
N ARG A 112 -4.53 12.19 1.39
CA ARG A 112 -4.53 13.34 2.33
C ARG A 112 -5.44 12.95 3.49
N VAL A 113 -5.20 13.53 4.65
CA VAL A 113 -6.01 13.31 5.87
C VAL A 113 -7.46 13.73 5.60
N MET A 114 -7.63 14.80 4.83
CA MET A 114 -8.97 15.25 4.44
C MET A 114 -9.08 15.23 2.92
N GLU A 115 -10.05 14.52 2.41
CA GLU A 115 -10.40 14.57 0.97
C GLU A 115 -11.91 14.64 0.82
N LYS A 116 -12.42 15.37 -0.19
CA LYS A 116 -13.88 15.52 -0.40
C LYS A 116 -14.58 15.96 0.90
N GLY A 117 -13.95 16.80 1.70
CA GLY A 117 -14.52 17.35 2.94
C GLY A 117 -14.73 16.39 4.09
N SER A 118 -14.16 15.19 4.04
CA SER A 118 -14.29 14.15 5.09
C SER A 118 -12.90 13.66 5.53
N LEU A 119 -12.78 13.12 6.72
CA LEU A 119 -11.48 12.59 7.19
C LEU A 119 -11.31 11.20 6.59
N LYS A 120 -10.22 11.00 5.86
CA LYS A 120 -9.90 9.70 5.23
C LYS A 120 -8.93 8.87 6.08
N CYS A 121 -8.38 9.50 7.10
CA CYS A 121 -7.27 8.97 7.90
C CYS A 121 -7.10 9.83 9.16
N ALA A 122 -6.79 9.23 10.29
CA ALA A 122 -6.33 9.98 11.47
C ALA A 122 -4.92 10.55 11.21
N GLN A 123 -4.66 11.67 11.84
CA GLN A 123 -3.32 12.32 11.86
C GLN A 123 -2.45 11.46 12.78
N TYR A 124 -1.68 10.52 12.25
CA TYR A 124 -1.03 9.47 13.09
C TYR A 124 0.47 9.75 13.28
N TRP A 125 0.96 10.88 12.78
CA TRP A 125 2.39 11.25 12.97
C TRP A 125 2.47 12.69 13.46
N PRO A 126 3.57 13.08 14.15
CA PRO A 126 3.71 14.42 14.73
C PRO A 126 3.90 15.50 13.65
N GLN A 127 3.38 16.69 13.89
CA GLN A 127 3.44 17.82 12.95
C GLN A 127 4.68 18.67 13.24
N LYS A 128 5.23 18.56 14.44
CA LYS A 128 6.40 19.41 14.80
C LYS A 128 7.41 18.59 15.56
N GLU A 129 8.67 18.89 15.35
CA GLU A 129 9.80 18.23 16.06
C GLU A 129 9.52 18.21 17.55
N GLU A 130 9.13 19.33 18.13
CA GLU A 130 9.14 19.47 19.62
C GLU A 130 7.84 18.91 20.24
N LYS A 131 6.86 18.45 19.46
CA LYS A 131 5.60 17.87 20.01
C LYS A 131 5.50 16.39 19.59
N GLU A 132 6.13 15.51 20.35
CA GLU A 132 6.16 14.06 20.04
C GLU A 132 4.81 13.45 20.41
N MET A 133 4.50 12.25 19.94
CA MET A 133 3.22 11.56 20.27
C MET A 133 3.55 10.33 21.07
N ILE A 134 2.78 10.12 22.12
CA ILE A 134 2.87 8.90 22.97
C ILE A 134 1.56 8.12 22.76
N PHE A 135 1.65 6.85 22.46
CA PHE A 135 0.50 5.93 22.29
C PHE A 135 0.49 5.07 23.55
N GLU A 136 -0.34 5.45 24.52
CA GLU A 136 -0.33 4.82 25.88
C GLU A 136 -0.77 3.35 25.77
N ASP A 137 -1.74 3.06 24.91
CA ASP A 137 -2.27 1.69 24.75
C ASP A 137 -1.13 0.76 24.31
N THR A 138 -0.17 1.20 23.48
CA THR A 138 0.84 0.27 22.91
C THR A 138 2.26 0.62 23.37
N ASN A 139 2.42 1.62 24.24
CA ASN A 139 3.73 1.92 24.89
C ASN A 139 4.80 2.32 23.85
N LEU A 140 4.45 3.21 22.93
CA LEU A 140 5.36 3.66 21.86
C LEU A 140 5.37 5.19 21.87
N LYS A 141 6.52 5.74 21.53
CA LYS A 141 6.73 7.17 21.37
C LYS A 141 7.21 7.42 19.95
N LEU A 142 6.68 8.47 19.34
CA LEU A 142 7.00 8.78 17.93
C LEU A 142 7.44 10.25 17.86
N THR A 143 8.57 10.50 17.24
CA THR A 143 9.13 11.85 17.11
C THR A 143 9.38 12.18 15.65
N LEU A 144 8.96 13.36 15.23
CA LEU A 144 9.36 13.87 13.93
C LEU A 144 10.80 14.38 14.06
N ILE A 145 11.70 13.85 13.24
CA ILE A 145 13.15 14.18 13.20
C ILE A 145 13.36 15.21 12.10
N SER A 146 12.79 15.00 10.92
CA SER A 146 12.94 15.94 9.80
C SER A 146 11.82 15.69 8.79
N GLU A 147 11.61 16.67 7.97
CA GLU A 147 10.51 16.70 6.99
C GLU A 147 11.02 17.41 5.75
N ASP A 148 10.91 16.79 4.58
CA ASP A 148 11.37 17.35 3.30
C ASP A 148 10.12 17.44 2.41
N ILE A 149 9.58 18.64 2.25
CA ILE A 149 8.35 18.90 1.46
C ILE A 149 8.73 19.22 0.03
N LYS A 150 8.28 18.43 -0.94
CA LYS A 150 8.44 18.70 -2.39
C LYS A 150 7.08 18.88 -2.99
N SER A 151 7.04 19.10 -4.29
CA SER A 151 5.80 19.56 -4.97
C SER A 151 4.74 18.46 -4.92
N TYR A 152 5.15 17.22 -5.15
CA TYR A 152 4.25 16.06 -5.39
C TYR A 152 4.20 15.12 -4.17
N TYR A 153 5.17 15.20 -3.27
CA TYR A 153 5.31 14.28 -2.11
C TYR A 153 6.16 14.94 -1.02
N THR A 154 6.01 14.43 0.19
CA THR A 154 6.79 14.76 1.38
C THR A 154 7.43 13.48 1.89
N VAL A 155 8.67 13.57 2.37
CA VAL A 155 9.38 12.45 3.06
C VAL A 155 9.65 12.93 4.45
N ARG A 156 9.29 12.14 5.44
CA ARG A 156 9.57 12.50 6.83
C ARG A 156 10.41 11.38 7.42
N GLN A 157 11.44 11.75 8.19
N GLN A 157 11.32 11.78 8.29
CA GLN A 157 12.20 10.82 9.08
CA GLN A 157 12.19 10.89 9.11
C GLN A 157 11.52 10.87 10.44
C GLN A 157 11.59 10.88 10.51
N LEU A 158 11.18 9.70 10.99
CA LEU A 158 10.51 9.55 12.27
C LEU A 158 11.38 8.66 13.12
N GLU A 159 11.37 8.87 14.43
CA GLU A 159 11.98 7.95 15.38
C GLU A 159 10.84 7.33 16.14
N LEU A 160 10.80 6.00 16.13
CA LEU A 160 9.84 5.21 16.90
C LEU A 160 10.61 4.59 18.03
N GLU A 161 10.11 4.77 19.24
CA GLU A 161 10.76 4.27 20.44
C GLU A 161 9.80 3.36 21.19
N ASN A 162 10.31 2.18 21.49
CA ASN A 162 9.58 1.22 22.32
C ASN A 162 9.82 1.59 23.78
N LEU A 163 8.84 2.14 24.48
CA LEU A 163 9.07 2.68 25.84
C LEU A 163 9.35 1.53 26.83
N THR A 164 8.89 0.31 26.51
CA THR A 164 9.03 -0.91 27.33
C THR A 164 10.50 -1.35 27.36
N THR A 165 11.25 -1.24 26.25
CA THR A 165 12.62 -1.78 26.08
C THR A 165 13.64 -0.68 25.75
N GLN A 166 13.15 0.53 25.52
CA GLN A 166 13.98 1.70 25.14
C GLN A 166 14.74 1.47 23.82
N GLU A 167 14.36 0.52 22.97
CA GLU A 167 14.95 0.47 21.60
C GLU A 167 14.28 1.56 20.76
N THR A 168 15.02 2.07 19.79
CA THR A 168 14.56 3.10 18.84
C THR A 168 14.85 2.61 17.44
N ARG A 169 13.99 2.97 16.51
CA ARG A 169 14.22 2.74 15.07
C ARG A 169 13.87 4.00 14.32
N GLU A 170 14.53 4.16 13.21
CA GLU A 170 14.21 5.21 12.25
C GLU A 170 13.18 4.61 11.29
N ILE A 171 12.06 5.29 11.10
CA ILE A 171 11.02 4.97 10.09
C ILE A 171 11.00 6.11 9.07
N LEU A 172 10.93 5.79 7.79
CA LEU A 172 10.71 6.78 6.73
C LEU A 172 9.23 6.81 6.36
N HIS A 173 8.65 7.98 6.30
CA HIS A 173 7.24 8.21 5.91
C HIS A 173 7.26 8.86 4.56
N PHE A 174 6.78 8.16 3.56
CA PHE A 174 6.67 8.64 2.18
C PHE A 174 5.22 9.00 1.94
N HIS A 175 4.95 10.27 1.77
CA HIS A 175 3.57 10.78 1.70
C HIS A 175 3.35 11.34 0.31
N TYR A 176 2.60 10.64 -0.55
CA TYR A 176 2.23 11.18 -1.87
C TYR A 176 1.02 12.09 -1.69
N THR A 177 1.16 13.38 -1.96
CA THR A 177 0.22 14.42 -1.48
C THR A 177 -0.66 14.95 -2.62
N THR A 178 -0.51 14.50 -3.85
CA THR A 178 -1.12 15.15 -5.04
C THR A 178 -2.03 14.21 -5.79
N TRP A 179 -2.42 13.08 -5.22
CA TRP A 179 -3.44 12.25 -5.92
C TRP A 179 -4.75 13.04 -5.89
N PRO A 180 -5.42 13.29 -7.03
CA PRO A 180 -6.61 14.14 -7.00
C PRO A 180 -7.79 13.48 -6.26
N ASP A 181 -8.69 14.31 -5.76
CA ASP A 181 -9.90 13.89 -4.99
C ASP A 181 -10.73 12.91 -5.82
N PHE A 182 -10.81 13.13 -7.13
CA PHE A 182 -11.58 12.30 -8.09
C PHE A 182 -10.64 11.82 -9.20
N GLY A 183 -10.81 10.57 -9.62
CA GLY A 183 -10.11 10.08 -10.82
C GLY A 183 -8.67 9.76 -10.48
N VAL A 184 -7.78 9.85 -11.46
CA VAL A 184 -6.39 9.41 -11.29
C VAL A 184 -5.54 10.55 -11.80
N PRO A 185 -4.22 10.60 -11.52
CA PRO A 185 -3.35 11.61 -12.12
C PRO A 185 -3.38 11.45 -13.64
N GLU A 186 -3.25 12.56 -14.39
CA GLU A 186 -3.32 12.58 -15.88
C GLU A 186 -2.11 11.82 -16.43
N SER A 187 -0.94 12.10 -15.85
CA SER A 187 0.36 11.49 -16.21
C SER A 187 0.87 10.67 -15.01
N PRO A 188 1.49 9.49 -15.25
CA PRO A 188 2.11 8.73 -14.17
C PRO A 188 3.51 9.18 -13.79
N ALA A 189 4.01 10.31 -14.30
CA ALA A 189 5.41 10.69 -14.07
C ALA A 189 5.67 10.91 -12.58
N SER A 190 4.84 11.68 -11.89
CA SER A 190 5.18 12.04 -10.48
C SER A 190 5.02 10.79 -9.59
N PHE A 191 4.09 9.93 -9.93
CA PHE A 191 3.86 8.65 -9.20
C PHE A 191 5.08 7.72 -9.32
N LEU A 192 5.65 7.60 -10.52
CA LEU A 192 6.87 6.79 -10.81
C LEU A 192 8.06 7.35 -10.05
N ASN A 193 8.26 8.67 -10.14
N ASN A 193 8.26 8.67 -10.12
CA ASN A 193 9.34 9.36 -9.38
CA ASN A 193 9.36 9.36 -9.38
C ASN A 193 9.21 8.96 -7.91
C ASN A 193 9.23 9.04 -7.88
N PHE A 194 8.00 9.07 -7.36
CA PHE A 194 7.70 8.72 -5.95
C PHE A 194 8.08 7.26 -5.69
N LEU A 195 7.63 6.37 -6.57
CA LEU A 195 7.91 4.91 -6.43
C LEU A 195 9.42 4.69 -6.46
N PHE A 196 10.16 5.36 -7.34
CA PHE A 196 11.65 5.19 -7.38
C PHE A 196 12.28 5.75 -6.12
N LYS A 197 11.71 6.80 -5.55
CA LYS A 197 12.26 7.36 -4.29
C LYS A 197 12.08 6.35 -3.16
N VAL A 198 10.94 5.69 -3.10
CA VAL A 198 10.73 4.66 -2.03
C VAL A 198 11.76 3.53 -2.24
N ARG A 199 11.96 3.10 -3.47
CA ARG A 199 12.91 2.00 -3.79
C ARG A 199 14.32 2.41 -3.35
N GLU A 200 14.69 3.65 -3.67
CA GLU A 200 16.06 4.18 -3.40
C GLU A 200 16.32 4.20 -1.92
N SER A 201 15.31 4.36 -1.09
CA SER A 201 15.45 4.47 0.38
C SER A 201 15.93 3.16 1.01
N GLY A 202 15.73 2.02 0.36
CA GLY A 202 15.93 0.69 0.96
C GLY A 202 14.71 0.12 1.66
N SER A 203 13.58 0.83 1.64
CA SER A 203 12.35 0.44 2.38
C SER A 203 11.72 -0.84 1.80
N LEU A 204 11.98 -1.17 0.53
CA LEU A 204 11.37 -2.32 -0.18
C LEU A 204 12.33 -3.51 -0.21
N SER A 205 13.44 -3.42 0.49
CA SER A 205 14.53 -4.40 0.40
C SER A 205 14.34 -5.52 1.41
N PRO A 206 14.80 -6.76 1.09
CA PRO A 206 14.58 -7.91 1.97
C PRO A 206 15.28 -7.89 3.34
N GLU A 207 16.24 -6.99 3.53
N GLU A 207 16.22 -6.96 3.53
CA GLU A 207 16.91 -6.77 4.83
CA GLU A 207 16.95 -6.73 4.81
C GLU A 207 15.85 -6.38 5.87
C GLU A 207 16.05 -6.01 5.82
N HIS A 208 14.81 -5.65 5.44
CA HIS A 208 13.80 -5.08 6.36
C HIS A 208 12.51 -5.88 6.28
N GLY A 209 11.65 -5.69 7.27
CA GLY A 209 10.26 -6.12 7.22
C GLY A 209 9.54 -5.45 6.07
N PRO A 210 8.33 -5.94 5.76
CA PRO A 210 7.59 -5.43 4.61
C PRO A 210 7.24 -3.95 4.84
N VAL A 211 7.29 -3.20 3.76
CA VAL A 211 6.77 -1.83 3.71
C VAL A 211 5.27 -1.83 4.07
N VAL A 212 4.81 -0.82 4.81
CA VAL A 212 3.37 -0.62 5.07
C VAL A 212 2.86 0.40 4.07
N VAL A 213 1.85 0.03 3.31
CA VAL A 213 1.26 0.91 2.26
C VAL A 213 -0.20 1.14 2.66
N HIS A 214 -0.67 2.38 2.63
CA HIS A 214 -2.09 2.66 2.89
C HIS A 214 -2.60 3.84 2.09
N CYS A 215 -3.91 3.82 1.86
CA CYS A 215 -4.70 4.96 1.37
C CYS A 215 -5.82 5.02 2.40
N SER A 216 -7.09 5.20 2.01
N SER A 216 -7.07 5.21 1.96
CA SER A 216 -8.19 5.17 3.02
CA SER A 216 -8.27 5.22 2.84
C SER A 216 -8.59 3.73 3.32
C SER A 216 -8.59 3.78 3.27
N ALA A 217 -8.95 2.93 2.31
CA ALA A 217 -9.39 1.54 2.51
C ALA A 217 -8.19 0.59 2.43
N GLY A 218 -7.08 1.00 1.82
CA GLY A 218 -5.94 0.09 1.60
C GLY A 218 -6.13 -0.89 0.46
N ILE A 219 -6.85 -0.51 -0.61
CA ILE A 219 -7.13 -1.42 -1.75
C ILE A 219 -6.97 -0.70 -3.08
N GLY A 220 -7.27 0.59 -3.18
CA GLY A 220 -7.32 1.27 -4.47
C GLY A 220 -5.99 1.84 -4.89
N ARG A 221 -5.66 3.02 -4.40
CA ARG A 221 -4.33 3.62 -4.66
C ARG A 221 -3.22 2.67 -4.20
N SER A 222 -3.38 2.09 -3.01
CA SER A 222 -2.41 1.14 -2.41
C SER A 222 -2.13 -0.01 -3.37
N GLY A 223 -3.19 -0.51 -3.99
CA GLY A 223 -3.15 -1.54 -5.04
C GLY A 223 -2.32 -1.15 -6.22
N THR A 224 -2.52 0.07 -6.71
N THR A 224 -2.50 0.08 -6.71
CA THR A 224 -1.78 0.65 -7.87
CA THR A 224 -1.77 0.62 -7.90
C THR A 224 -0.29 0.67 -7.54
C THR A 224 -0.28 0.67 -7.55
N PHE A 225 0.07 1.10 -6.33
CA PHE A 225 1.47 1.20 -5.89
C PHE A 225 2.16 -0.17 -6.00
N CYS A 226 1.62 -1.20 -5.35
N CYS A 226 1.62 -1.17 -5.32
CA CYS A 226 2.29 -2.53 -5.26
CA CYS A 226 2.20 -2.54 -5.27
C CYS A 226 2.14 -3.30 -6.58
C CYS A 226 2.21 -3.17 -6.67
N LEU A 227 1.12 -3.01 -7.41
CA LEU A 227 1.01 -3.62 -8.75
C LEU A 227 2.12 -3.07 -9.67
N ALA A 228 2.33 -1.76 -9.67
CA ALA A 228 3.36 -1.11 -10.51
C ALA A 228 4.73 -1.63 -10.08
N ASP A 229 5.02 -1.61 -8.79
CA ASP A 229 6.34 -2.01 -8.29
C ASP A 229 6.64 -3.46 -8.70
N THR A 230 5.73 -4.40 -8.42
CA THR A 230 5.91 -5.84 -8.70
C THR A 230 6.09 -6.05 -10.20
N CYS A 231 5.23 -5.48 -11.02
CA CYS A 231 5.33 -5.62 -12.50
C CYS A 231 6.68 -5.14 -13.03
N LEU A 232 7.16 -3.98 -12.59
CA LEU A 232 8.45 -3.45 -13.05
C LEU A 232 9.61 -4.33 -12.60
N LEU A 233 9.54 -4.89 -11.39
N LEU A 233 9.54 -4.86 -11.37
CA LEU A 233 10.59 -5.80 -10.87
CA LEU A 233 10.54 -5.82 -10.82
C LEU A 233 10.61 -7.11 -11.68
C LEU A 233 10.60 -7.08 -11.72
N LEU A 234 9.43 -7.64 -12.04
CA LEU A 234 9.35 -8.88 -12.85
C LEU A 234 9.93 -8.62 -14.23
N MET A 235 9.77 -7.42 -14.78
CA MET A 235 10.36 -7.08 -16.10
C MET A 235 11.89 -7.07 -16.02
N ASP A 236 12.50 -6.63 -14.94
CA ASP A 236 13.95 -6.71 -14.69
C ASP A 236 14.39 -8.18 -14.62
N LYS A 237 13.58 -9.05 -14.06
CA LYS A 237 14.03 -10.39 -13.61
C LYS A 237 13.89 -11.38 -14.75
N ARG A 238 12.93 -11.22 -15.64
CA ARG A 238 12.57 -12.28 -16.63
C ARG A 238 13.43 -12.18 -17.91
N LYS A 239 13.69 -13.31 -18.57
CA LYS A 239 14.44 -13.31 -19.86
C LYS A 239 13.66 -12.47 -20.87
N ASP A 240 12.34 -12.65 -20.91
CA ASP A 240 11.46 -11.86 -21.82
C ASP A 240 10.54 -10.98 -20.99
N PRO A 241 10.85 -9.67 -20.88
CA PRO A 241 10.01 -8.73 -20.14
C PRO A 241 8.55 -8.64 -20.58
N SER A 242 8.24 -8.98 -21.84
CA SER A 242 6.88 -8.85 -22.39
C SER A 242 6.03 -10.06 -21.97
N SER A 243 6.61 -11.05 -21.30
CA SER A 243 5.83 -12.16 -20.69
C SER A 243 5.05 -11.67 -19.46
N VAL A 244 5.29 -10.46 -18.98
CA VAL A 244 4.63 -9.97 -17.73
C VAL A 244 3.20 -9.55 -18.09
N ASP A 245 2.21 -10.24 -17.53
CA ASP A 245 0.79 -9.92 -17.77
C ASP A 245 0.24 -9.26 -16.49
N ILE A 246 -0.10 -7.97 -16.58
N ILE A 246 -0.07 -7.96 -16.57
CA ILE A 246 -0.53 -7.15 -15.40
CA ILE A 246 -0.57 -7.15 -15.42
C ILE A 246 -1.82 -7.72 -14.80
C ILE A 246 -1.78 -7.85 -14.79
N LYS A 247 -2.71 -8.32 -15.62
CA LYS A 247 -3.98 -8.92 -15.15
C LYS A 247 -3.68 -10.14 -14.30
N LYS A 248 -2.69 -10.93 -14.72
CA LYS A 248 -2.32 -12.14 -13.94
C LYS A 248 -1.71 -11.71 -12.62
N VAL A 249 -0.86 -10.69 -12.65
CA VAL A 249 -0.19 -10.23 -11.40
C VAL A 249 -1.26 -9.69 -10.44
N LEU A 250 -2.19 -8.90 -10.95
CA LEU A 250 -3.27 -8.33 -10.11
C LEU A 250 -4.06 -9.48 -9.46
N LEU A 251 -4.40 -10.50 -10.25
CA LEU A 251 -5.18 -11.64 -9.70
C LEU A 251 -4.40 -12.38 -8.61
N GLU A 252 -3.09 -12.54 -8.79
N GLU A 252 -3.08 -12.54 -8.77
CA GLU A 252 -2.22 -13.18 -7.76
CA GLU A 252 -2.25 -13.17 -7.71
C GLU A 252 -2.25 -12.32 -6.49
C GLU A 252 -2.32 -12.31 -6.43
N MET A 253 -2.20 -11.00 -6.62
N MET A 253 -2.17 -10.99 -6.54
CA MET A 253 -2.21 -10.09 -5.44
CA MET A 253 -2.21 -10.10 -5.36
C MET A 253 -3.56 -10.16 -4.74
C MET A 253 -3.59 -10.19 -4.71
N ARG A 254 -4.65 -10.28 -5.51
CA ARG A 254 -6.03 -10.39 -4.95
C ARG A 254 -6.24 -11.69 -4.15
N LYS A 255 -5.31 -12.66 -4.19
CA LYS A 255 -5.43 -13.84 -3.32
C LYS A 255 -5.19 -13.40 -1.87
N PHE A 256 -4.47 -12.28 -1.70
CA PHE A 256 -3.97 -11.85 -0.36
C PHE A 256 -4.81 -10.73 0.25
N ARG A 257 -5.41 -9.89 -0.57
CA ARG A 257 -6.33 -8.84 -0.09
C ARG A 257 -7.37 -8.56 -1.16
N MET A 258 -8.64 -8.48 -0.76
CA MET A 258 -9.76 -8.26 -1.69
C MET A 258 -9.68 -6.86 -2.30
N GLY A 259 -10.19 -6.75 -3.53
CA GLY A 259 -10.61 -5.48 -4.10
C GLY A 259 -9.47 -4.60 -4.59
N LEU A 260 -8.24 -5.12 -4.62
CA LEU A 260 -7.10 -4.30 -5.05
C LEU A 260 -7.37 -3.77 -6.47
N ILE A 261 -7.26 -2.44 -6.62
CA ILE A 261 -7.65 -1.66 -7.84
C ILE A 261 -9.18 -1.59 -7.80
N GLN A 262 -9.71 -0.42 -7.52
N GLN A 262 -9.73 -0.42 -7.53
CA GLN A 262 -11.13 -0.20 -7.18
CA GLN A 262 -11.17 -0.27 -7.18
C GLN A 262 -11.94 0.15 -8.44
C GLN A 262 -11.97 0.34 -8.35
N THR A 263 -11.32 0.77 -9.43
CA THR A 263 -12.05 1.29 -10.61
C THR A 263 -11.28 0.93 -11.87
N ALA A 264 -11.99 0.98 -13.00
CA ALA A 264 -11.43 0.77 -14.35
C ALA A 264 -10.38 1.86 -14.60
N ASP A 265 -10.59 3.06 -14.09
CA ASP A 265 -9.63 4.18 -14.20
C ASP A 265 -8.32 3.81 -13.51
N GLN A 266 -8.38 3.21 -12.31
CA GLN A 266 -7.14 2.81 -11.57
C GLN A 266 -6.42 1.70 -12.36
N LEU A 267 -7.17 0.80 -13.02
CA LEU A 267 -6.59 -0.28 -13.85
C LEU A 267 -5.85 0.35 -15.04
N ARG A 268 -6.50 1.26 -15.76
CA ARG A 268 -5.85 1.98 -16.88
C ARG A 268 -4.57 2.68 -16.41
N PHE A 269 -4.65 3.41 -15.32
CA PHE A 269 -3.48 4.16 -14.76
C PHE A 269 -2.34 3.20 -14.44
N SER A 270 -2.65 2.01 -13.89
CA SER A 270 -1.65 0.97 -13.55
C SER A 270 -0.92 0.54 -14.83
N TYR A 271 -1.66 0.21 -15.89
CA TYR A 271 -1.06 -0.10 -17.22
C TYR A 271 -0.10 1.01 -17.64
N LEU A 272 -0.58 2.27 -17.62
N LEU A 272 -0.59 2.25 -17.59
CA LEU A 272 0.19 3.46 -18.05
CA LEU A 272 0.15 3.47 -18.03
C LEU A 272 1.46 3.60 -17.21
C LEU A 272 1.43 3.62 -17.21
N ALA A 273 1.34 3.44 -15.89
CA ALA A 273 2.52 3.58 -15.00
C ALA A 273 3.54 2.50 -15.37
N VAL A 274 3.09 1.28 -15.58
CA VAL A 274 4.03 0.15 -15.87
C VAL A 274 4.63 0.38 -17.27
N ILE A 275 3.81 0.72 -18.27
CA ILE A 275 4.31 0.98 -19.66
C ILE A 275 5.36 2.08 -19.61
N GLU A 276 5.12 3.17 -18.91
CA GLU A 276 6.04 4.33 -18.83
C GLU A 276 7.26 3.92 -18.03
N GLY A 277 7.03 3.22 -16.93
CA GLY A 277 8.15 2.80 -16.06
C GLY A 277 9.09 1.88 -16.81
N ALA A 278 8.57 1.02 -17.68
CA ALA A 278 9.34 0.07 -18.53
C ALA A 278 10.38 0.84 -19.37
N LYS A 279 10.05 2.02 -19.89
CA LYS A 279 11.03 2.88 -20.63
C LYS A 279 12.24 3.19 -19.74
N PHE A 280 12.06 3.64 -18.51
CA PHE A 280 13.18 3.97 -17.57
C PHE A 280 13.93 2.71 -17.15
N ILE A 281 13.41 1.51 -17.46
CA ILE A 281 13.94 0.20 -16.98
C ILE A 281 14.55 -0.56 -18.18
N MET A 282 14.52 0.04 -19.37
CA MET A 282 15.06 -0.57 -20.61
C MET A 282 15.98 0.45 -21.29
C TRS B . -1.23 -18.85 3.88
C1 TRS B . 0.14 -19.23 4.44
C2 TRS B . -1.17 -17.59 2.99
C3 TRS B . -2.26 -18.69 5.00
N TRS B . -1.72 -19.99 3.02
O1 TRS B . 1.08 -19.47 3.39
O2 TRS B . -1.05 -16.36 3.70
O3 TRS B . -1.66 -18.62 6.29
H11 TRS B . 0.06 -20.02 5.00
H12 TRS B . 0.47 -18.49 5.00
H21 TRS B . -1.97 -17.56 2.44
H22 TRS B . -0.40 -17.67 2.40
H31 TRS B . -2.87 -19.45 4.99
H32 TRS B . -2.76 -17.88 4.86
HN1 TRS B . -2.49 -20.34 3.35
HN2 TRS B . -1.11 -20.65 2.99
HN3 TRS B . -1.88 -19.73 2.18
HO1 TRS B . 1.80 -19.69 3.74
HO2 TRS B . -1.04 -15.74 3.13
HO3 TRS B . -1.38 -17.81 6.41
C01 JGD C . -15.26 4.44 11.06
N02 JGD C . -15.24 4.05 12.46
C03 JGD C . -15.58 2.66 12.77
C04 JGD C . -14.81 5.02 13.47
C05 JGD C . -14.42 4.65 14.77
C06 JGD C . -14.03 5.63 15.67
N07 JGD C . -14.01 6.89 15.29
C08 JGD C . -14.35 7.26 14.07
C09 JGD C . -14.77 6.36 13.12
H011 JGD C . -15.27 3.56 10.42
H012 JGD C . -14.36 5.00 10.82
H013 JGD C . -16.14 5.05 10.85
H032 JGD C . -15.29 2.40 13.79
H033 JGD C . -15.08 1.99 12.08
H031 JGD C . -16.67 2.53 12.69
H051 JGD C . -14.44 3.62 15.08
H061 JGD C . -13.73 5.35 16.67
H081 JGD C . -14.34 8.30 13.79
H091 JGD C . -15.05 6.71 12.15
#